data_7G9C
#
_entry.id   7G9C
#
_cell.length_a   71.094
_cell.length_b   71.094
_cell.length_c   195.423
_cell.angle_alpha   90.000
_cell.angle_beta   90.000
_cell.angle_gamma   90.000
#
_symmetry.space_group_name_H-M   'P 43 21 2'
#
loop_
_entity.id
_entity.type
_entity.pdbx_description
1 polymer 'Transforming protein RhoA'
2 polymer 'Rho guanine nucleotide exchange factor 2'
3 non-polymer 'DIMETHYL SULFOXIDE'
4 non-polymer 'FORMIC ACID'
5 non-polymer N-[2-(methanesulfonyl)phenyl]acetamide
6 water water
#
loop_
_entity_poly.entity_id
_entity_poly.type
_entity_poly.pdbx_seq_one_letter_code
_entity_poly.pdbx_strand_id
1 'polypeptide(L)'
;SMAAIRKKLVIVGDGACGKTCLLIVFSKDQFPEVYVPTVFENYVADIEVDGKQVELALWDTAGQEDYDRLRPLSYPDTDV
ILMCFSIDSPDSLENIPEKWTPEVKHFCPNVPIILVGNKKDLRNDEHTRRELAKMKQEPVKPEEGRDMANRIGAFGYMEC
SAKTKDGVREVFEMATRAALQARRG
;
A
2 'polypeptide(L)'
;SMEMDEKDFAADSWSLAVDSSFLQQHKKEVMKQQDVIYELIQTELHHVRTLKIMTRLFRTGMLEELHLEPGVVQGLFPCV
DELSDIHTRFLSQLLERRRQALCPGSTRNFVIHRLGDLLISQFSGPSAEQMCKTYSEFCSRHSKALKLYKELYARDKRFQ
QFIRKVTRPAVLKRHGVQECILLVTQRITKYPLLISRILQHSHGIEEERQDLTTALGLVKELLSNVDEGIYQLEKGARLQ
EIYNR
;
B
#
# COMPACT_ATOMS: atom_id res chain seq x y z
N ALA A 4 -19.20 16.22 2.09
CA ALA A 4 -17.80 16.00 1.71
C ALA A 4 -17.68 15.22 0.39
N ILE A 5 -17.19 15.87 -0.65
CA ILE A 5 -17.00 15.20 -1.95
C ILE A 5 -15.77 14.27 -1.87
N ARG A 6 -15.83 13.09 -2.53
CA ARG A 6 -14.70 12.18 -2.50
C ARG A 6 -13.79 12.36 -3.73
N LYS A 7 -12.51 12.66 -3.51
CA LYS A 7 -11.51 12.81 -4.57
C LYS A 7 -10.36 11.80 -4.36
N LYS A 8 -9.58 11.48 -5.41
CA LYS A 8 -8.51 10.48 -5.29
C LYS A 8 -7.14 11.00 -5.64
N LEU A 9 -6.15 10.72 -4.80
CA LEU A 9 -4.77 11.14 -4.99
C LEU A 9 -3.88 9.92 -5.16
N VAL A 10 -2.93 9.98 -6.08
CA VAL A 10 -1.95 8.92 -6.27
C VAL A 10 -0.59 9.56 -6.33
N ILE A 11 0.38 9.03 -5.56
CA ILE A 11 1.73 9.57 -5.61
CA ILE A 11 1.74 9.56 -5.58
C ILE A 11 2.59 8.62 -6.39
N VAL A 12 3.27 9.14 -7.39
CA VAL A 12 4.14 8.33 -8.24
CA VAL A 12 4.11 8.36 -8.28
C VAL A 12 5.57 8.87 -8.15
N GLY A 13 6.54 8.04 -8.51
CA GLY A 13 7.94 8.44 -8.44
C GLY A 13 8.88 7.28 -8.21
N ASP A 14 10.18 7.49 -8.41
CA ASP A 14 11.17 6.43 -8.23
C ASP A 14 11.19 5.86 -6.80
N GLY A 15 11.86 4.72 -6.63
CA GLY A 15 11.97 4.01 -5.37
C GLY A 15 12.35 4.82 -4.14
N ALA A 16 13.51 5.49 -4.14
CA ALA A 16 13.93 6.24 -2.96
C ALA A 16 13.65 7.74 -3.05
N CYS A 17 12.45 8.09 -3.54
CA CYS A 17 12.05 9.50 -3.59
C CYS A 17 11.33 9.97 -2.32
N GLY A 18 11.08 9.09 -1.36
CA GLY A 18 10.43 9.41 -0.11
C GLY A 18 8.92 9.61 -0.19
N LYS A 19 8.24 8.93 -1.14
CA LYS A 19 6.80 9.10 -1.28
CA LYS A 19 6.80 9.09 -1.27
C LYS A 19 6.01 8.41 -0.16
N THR A 20 6.50 7.26 0.32
CA THR A 20 5.84 6.54 1.40
C THR A 20 5.96 7.37 2.68
N CYS A 21 7.15 7.93 2.94
CA CYS A 21 7.42 8.77 4.11
C CYS A 21 6.50 9.99 4.10
N LEU A 22 6.29 10.60 2.92
CA LEU A 22 5.42 11.76 2.79
C LEU A 22 3.96 11.40 3.13
N LEU A 23 3.46 10.28 2.59
CA LEU A 23 2.10 9.84 2.87
C LEU A 23 1.87 9.45 4.34
N ILE A 24 2.90 8.91 5.02
CA ILE A 24 2.81 8.48 6.42
C ILE A 24 2.72 9.68 7.36
N VAL A 25 3.59 10.66 7.12
CA VAL A 25 3.69 11.88 7.91
C VAL A 25 2.42 12.73 7.84
N PHE A 26 1.79 12.75 6.68
CA PHE A 26 0.54 13.49 6.53
C PHE A 26 -0.61 12.73 7.15
N SER A 27 -0.72 11.42 6.91
CA SER A 27 -1.81 10.62 7.46
C SER A 27 -1.74 10.41 8.99
N LYS A 28 -0.58 10.64 9.61
CA LYS A 28 -0.45 10.54 11.07
C LYS A 28 -0.53 11.93 11.76
N ASP A 29 -0.17 13.00 11.02
CA ASP A 29 -0.10 14.43 11.40
C ASP A 29 1.28 14.80 12.00
N GLN A 30 2.01 13.80 12.54
CA GLN A 30 3.35 14.00 13.12
C GLN A 30 4.40 13.09 12.44
N PHE A 31 5.70 13.26 12.78
CA PHE A 31 6.75 12.38 12.25
C PHE A 31 6.83 11.19 13.24
N PRO A 32 6.69 9.93 12.75
CA PRO A 32 6.73 8.77 13.66
C PRO A 32 7.93 8.76 14.60
N GLU A 33 7.70 8.99 15.90
CA GLU A 33 8.76 9.09 16.90
C GLU A 33 9.34 7.76 17.40
N VAL A 34 8.76 6.61 17.04
CA VAL A 34 9.29 5.32 17.49
C VAL A 34 9.61 4.41 16.29
N TYR A 35 8.71 4.30 15.32
CA TYR A 35 8.92 3.42 14.18
C TYR A 35 8.22 3.95 12.93
N VAL A 36 8.96 4.07 11.84
CA VAL A 36 8.38 4.51 10.58
C VAL A 36 8.02 3.28 9.78
N PRO A 37 6.74 3.06 9.49
CA PRO A 37 6.36 1.86 8.75
C PRO A 37 7.01 1.72 7.38
N THR A 38 7.29 0.50 6.99
CA THR A 38 7.89 0.22 5.70
C THR A 38 6.88 0.47 4.59
N VAL A 39 5.60 0.14 4.82
CA VAL A 39 4.58 0.28 3.80
C VAL A 39 3.44 1.26 4.18
N PHE A 40 2.61 1.61 3.19
CA PHE A 40 1.43 2.45 3.33
C PHE A 40 0.27 1.68 2.68
N GLU A 41 -0.85 1.46 3.39
CA GLU A 41 -1.98 0.74 2.80
C GLU A 41 -2.82 1.74 1.99
N ASN A 42 -3.55 2.61 2.68
CA ASN A 42 -4.35 3.68 2.14
C ASN A 42 -4.84 4.53 3.32
N TYR A 43 -5.39 5.69 3.04
CA TYR A 43 -5.92 6.58 4.05
C TYR A 43 -6.92 7.49 3.35
N VAL A 44 -7.97 7.90 4.07
CA VAL A 44 -8.96 8.81 3.54
C VAL A 44 -8.88 10.06 4.41
N ALA A 45 -8.35 11.13 3.83
CA ALA A 45 -8.12 12.39 4.56
C ALA A 45 -9.36 13.27 4.64
N ASP A 46 -9.56 13.96 5.75
CA ASP A 46 -10.68 14.87 5.92
C ASP A 46 -10.07 16.24 5.83
N ILE A 47 -9.85 16.69 4.61
CA ILE A 47 -9.24 17.98 4.34
CA ILE A 47 -9.24 17.98 4.37
C ILE A 47 -10.30 19.03 4.07
N GLU A 48 -10.12 20.25 4.59
CA GLU A 48 -11.03 21.34 4.35
CA GLU A 48 -11.02 21.36 4.35
C GLU A 48 -10.21 22.48 3.74
N VAL A 49 -10.26 22.63 2.40
CA VAL A 49 -9.47 23.65 1.75
C VAL A 49 -10.35 24.71 1.08
N ASP A 50 -10.06 25.98 1.41
CA ASP A 50 -10.74 27.19 0.93
C ASP A 50 -12.27 27.16 1.17
N GLY A 51 -12.69 26.52 2.26
CA GLY A 51 -14.09 26.42 2.65
C GLY A 51 -14.79 25.17 2.14
N LYS A 52 -14.14 24.39 1.29
CA LYS A 52 -14.71 23.18 0.72
C LYS A 52 -14.29 21.96 1.53
N GLN A 53 -15.26 21.14 1.97
CA GLN A 53 -14.92 19.93 2.72
C GLN A 53 -14.75 18.77 1.74
N VAL A 54 -13.54 18.20 1.67
CA VAL A 54 -13.23 17.12 0.75
C VAL A 54 -12.69 15.90 1.51
N GLU A 55 -13.08 14.70 1.06
CA GLU A 55 -12.60 13.42 1.54
C GLU A 55 -11.54 13.00 0.52
N LEU A 56 -10.25 12.96 0.90
CA LEU A 56 -9.18 12.66 -0.06
C LEU A 56 -8.50 11.28 0.12
N ALA A 57 -8.80 10.30 -0.77
CA ALA A 57 -8.18 8.99 -0.70
C ALA A 57 -6.71 9.05 -1.11
N LEU A 58 -5.79 8.63 -0.23
CA LEU A 58 -4.36 8.66 -0.52
C LEU A 58 -3.85 7.29 -0.89
N TRP A 59 -3.16 7.20 -2.04
CA TRP A 59 -2.59 5.92 -2.50
C TRP A 59 -1.15 6.11 -2.93
N ASP A 60 -0.38 5.05 -2.76
CA ASP A 60 1.04 4.98 -3.08
C ASP A 60 1.27 4.00 -4.24
N THR A 61 2.38 4.16 -4.98
CA THR A 61 2.75 3.19 -6.01
C THR A 61 4.08 2.46 -5.65
N ALA A 62 4.56 2.59 -4.39
CA ALA A 62 5.79 1.97 -3.91
C ALA A 62 5.68 0.48 -3.95
N GLY A 63 6.64 -0.15 -4.61
CA GLY A 63 6.67 -1.59 -4.82
C GLY A 63 6.16 -2.05 -6.17
N GLN A 64 5.61 -1.11 -6.97
CA GLN A 64 5.07 -1.40 -8.31
C GLN A 64 5.90 -0.82 -9.45
N GLU A 65 7.04 -0.17 -9.15
CA GLU A 65 7.87 0.48 -10.16
C GLU A 65 8.49 -0.50 -11.18
N ASP A 66 8.65 -1.76 -10.79
CA ASP A 66 9.19 -2.81 -11.65
C ASP A 66 8.12 -3.61 -12.41
N TYR A 67 6.84 -3.44 -12.04
CA TYR A 67 5.76 -4.25 -12.61
C TYR A 67 4.88 -3.36 -13.42
N ASP A 68 5.18 -3.29 -14.71
CA ASP A 68 4.51 -2.39 -15.63
C ASP A 68 3.08 -2.77 -15.98
N ARG A 69 2.60 -3.94 -15.56
CA ARG A 69 1.21 -4.32 -15.81
C ARG A 69 0.34 -4.27 -14.54
N LEU A 70 0.96 -4.37 -13.37
CA LEU A 70 0.28 -4.23 -12.09
C LEU A 70 0.12 -2.74 -11.79
N ARG A 71 1.18 -1.94 -12.03
CA ARG A 71 1.22 -0.53 -11.71
C ARG A 71 0.06 0.29 -12.26
N PRO A 72 -0.31 0.21 -13.56
CA PRO A 72 -1.42 1.04 -14.05
C PRO A 72 -2.76 0.84 -13.33
N LEU A 73 -2.90 -0.25 -12.56
CA LEU A 73 -4.14 -0.53 -11.82
C LEU A 73 -4.39 0.42 -10.65
N SER A 74 -3.40 1.22 -10.24
CA SER A 74 -3.62 2.22 -9.19
C SER A 74 -4.23 3.51 -9.76
N TYR A 75 -4.20 3.68 -11.10
CA TYR A 75 -4.65 4.88 -11.81
C TYR A 75 -6.15 5.10 -11.99
N PRO A 76 -7.03 4.07 -12.12
CA PRO A 76 -8.45 4.35 -12.35
C PRO A 76 -9.11 5.30 -11.36
N ASP A 77 -9.82 6.32 -11.90
CA ASP A 77 -10.55 7.36 -11.18
C ASP A 77 -9.65 8.30 -10.38
N THR A 78 -8.42 8.53 -10.84
CA THR A 78 -7.51 9.46 -10.16
C THR A 78 -7.90 10.91 -10.45
N ASP A 79 -8.02 11.72 -9.38
CA ASP A 79 -8.35 13.12 -9.50
C ASP A 79 -7.14 14.05 -9.44
N VAL A 80 -6.02 13.60 -8.83
CA VAL A 80 -4.78 14.38 -8.78
C VAL A 80 -3.57 13.45 -8.67
N ILE A 81 -2.48 13.76 -9.40
CA ILE A 81 -1.23 12.97 -9.37
C ILE A 81 -0.11 13.77 -8.70
N LEU A 82 0.52 13.21 -7.65
CA LEU A 82 1.67 13.85 -7.04
C LEU A 82 2.91 13.23 -7.67
N MET A 83 3.56 13.93 -8.58
CA MET A 83 4.77 13.43 -9.24
CA MET A 83 4.77 13.45 -9.24
C MET A 83 5.95 13.78 -8.34
N CYS A 84 6.49 12.78 -7.65
CA CYS A 84 7.54 12.94 -6.68
CA CYS A 84 7.55 12.93 -6.68
C CYS A 84 8.95 12.61 -7.20
N PHE A 85 9.94 13.35 -6.69
CA PHE A 85 11.37 13.21 -6.92
C PHE A 85 12.08 13.64 -5.64
N SER A 86 13.31 13.16 -5.42
CA SER A 86 14.06 13.53 -4.22
C SER A 86 15.07 14.60 -4.60
N ILE A 87 15.15 15.68 -3.81
CA ILE A 87 16.07 16.79 -4.02
C ILE A 87 17.54 16.35 -3.87
N ASP A 88 17.80 15.31 -3.05
CA ASP A 88 19.16 14.77 -2.91
C ASP A 88 19.52 13.76 -4.02
N SER A 89 18.71 13.64 -5.07
CA SER A 89 18.93 12.69 -6.14
C SER A 89 18.61 13.30 -7.51
N PRO A 90 19.52 14.10 -8.08
CA PRO A 90 19.27 14.67 -9.42
C PRO A 90 18.85 13.65 -10.50
N ASP A 91 19.26 12.38 -10.35
CA ASP A 91 18.88 11.33 -11.30
C ASP A 91 17.39 11.04 -11.26
N SER A 92 16.76 11.07 -10.07
CA SER A 92 15.31 10.85 -9.98
C SER A 92 14.53 11.96 -10.72
N LEU A 93 15.06 13.19 -10.74
CA LEU A 93 14.44 14.31 -11.48
C LEU A 93 14.57 14.10 -13.00
N GLU A 94 15.69 13.52 -13.44
CA GLU A 94 15.99 13.24 -14.84
C GLU A 94 14.98 12.24 -15.43
N ASN A 95 14.53 11.25 -14.62
CA ASN A 95 13.57 10.24 -15.07
C ASN A 95 12.12 10.76 -15.14
N ILE A 96 11.82 11.88 -14.48
CA ILE A 96 10.47 12.44 -14.46
C ILE A 96 9.89 12.67 -15.88
N PRO A 97 10.56 13.42 -16.81
CA PRO A 97 9.94 13.69 -18.11
C PRO A 97 9.84 12.52 -19.08
N GLU A 98 10.76 11.55 -18.99
CA GLU A 98 10.78 10.47 -19.96
C GLU A 98 10.30 9.12 -19.44
N LYS A 99 10.08 8.96 -18.13
CA LYS A 99 9.55 7.70 -17.63
C LYS A 99 8.16 7.88 -17.01
N TRP A 100 8.03 8.77 -16.02
CA TRP A 100 6.77 8.92 -15.31
C TRP A 100 5.73 9.77 -15.99
N THR A 101 6.14 10.85 -16.67
CA THR A 101 5.23 11.74 -17.36
C THR A 101 4.49 11.06 -18.54
N PRO A 102 5.18 10.35 -19.47
CA PRO A 102 4.43 9.69 -20.56
C PRO A 102 3.40 8.68 -20.04
N GLU A 103 3.73 7.92 -18.99
CA GLU A 103 2.81 6.96 -18.41
C GLU A 103 1.62 7.66 -17.71
N VAL A 104 1.88 8.65 -16.84
CA VAL A 104 0.82 9.34 -16.11
C VAL A 104 -0.14 10.04 -17.06
N LYS A 105 0.34 10.61 -18.15
CA LYS A 105 -0.52 11.27 -19.12
C LYS A 105 -1.32 10.29 -19.98
N HIS A 106 -0.83 9.05 -20.15
CA HIS A 106 -1.50 8.01 -20.94
C HIS A 106 -2.68 7.43 -20.15
N PHE A 107 -2.44 7.07 -18.88
CA PHE A 107 -3.48 6.47 -18.06
C PHE A 107 -4.38 7.48 -17.39
N CYS A 108 -3.87 8.69 -17.17
CA CYS A 108 -4.62 9.75 -16.50
C CYS A 108 -4.60 11.00 -17.35
N PRO A 109 -5.36 11.02 -18.47
CA PRO A 109 -5.37 12.23 -19.31
C PRO A 109 -6.18 13.34 -18.64
N ASN A 110 -5.79 14.58 -18.86
CA ASN A 110 -6.46 15.75 -18.30
C ASN A 110 -6.46 15.82 -16.74
N VAL A 111 -5.71 14.93 -16.06
CA VAL A 111 -5.59 14.90 -14.60
C VAL A 111 -4.43 15.81 -14.11
N PRO A 112 -4.67 16.75 -13.18
CA PRO A 112 -3.59 17.61 -12.69
C PRO A 112 -2.42 16.90 -12.03
N ILE A 113 -1.21 17.22 -12.47
CA ILE A 113 0.01 16.65 -11.92
C ILE A 113 0.72 17.75 -11.15
N ILE A 114 1.07 17.54 -9.88
CA ILE A 114 1.84 18.52 -9.12
C ILE A 114 3.23 17.91 -8.96
N LEU A 115 4.28 18.59 -9.44
CA LEU A 115 5.63 18.07 -9.28
C LEU A 115 6.12 18.46 -7.88
N VAL A 116 6.49 17.46 -7.07
CA VAL A 116 6.91 17.64 -5.69
C VAL A 116 8.36 17.21 -5.45
N GLY A 117 9.18 18.15 -5.01
CA GLY A 117 10.56 17.86 -4.64
C GLY A 117 10.66 17.53 -3.16
N ASN A 118 10.80 16.24 -2.84
CA ASN A 118 10.90 15.74 -1.46
CA ASN A 118 10.88 15.83 -1.44
C ASN A 118 12.32 15.88 -0.91
N LYS A 119 12.48 15.84 0.43
CA LYS A 119 13.75 15.89 1.13
C LYS A 119 14.52 17.19 0.97
N LYS A 120 13.81 18.32 0.91
CA LYS A 120 14.45 19.64 0.76
C LYS A 120 15.41 20.00 1.91
N ASP A 121 15.29 19.32 3.06
CA ASP A 121 16.14 19.48 4.23
C ASP A 121 17.59 19.14 3.88
N LEU A 122 17.78 18.09 3.05
CA LEU A 122 19.06 17.57 2.60
C LEU A 122 19.87 18.54 1.73
N ARG A 123 19.27 19.65 1.32
CA ARG A 123 19.97 20.71 0.59
C ARG A 123 21.01 21.40 1.52
N ASN A 124 20.84 21.30 2.85
CA ASN A 124 21.77 21.86 3.84
C ASN A 124 22.47 20.74 4.65
N ASP A 125 22.55 19.52 4.08
CA ASP A 125 23.19 18.37 4.73
C ASP A 125 24.58 18.22 4.16
N GLU A 126 25.61 18.22 5.03
CA GLU A 126 26.98 18.13 4.57
C GLU A 126 27.32 16.78 3.95
N HIS A 127 26.82 15.67 4.53
CA HIS A 127 27.05 14.33 4.00
C HIS A 127 26.45 14.17 2.62
N THR A 128 25.27 14.76 2.39
CA THR A 128 24.58 14.71 1.09
C THR A 128 25.35 15.48 0.03
N ARG A 129 25.82 16.69 0.37
CA ARG A 129 26.58 17.50 -0.57
C ARG A 129 27.93 16.87 -0.90
N ARG A 130 28.54 16.13 0.03
CA ARG A 130 29.81 15.47 -0.23
C ARG A 130 29.60 14.22 -1.08
N GLU A 131 28.60 13.39 -0.76
CA GLU A 131 28.30 12.18 -1.53
C GLU A 131 27.95 12.47 -2.97
N LEU A 132 27.20 13.56 -3.21
CA LEU A 132 26.82 13.96 -4.56
C LEU A 132 28.01 14.49 -5.34
N ALA A 133 28.90 15.23 -4.68
CA ALA A 133 30.08 15.82 -5.30
C ALA A 133 31.05 14.77 -5.86
N LYS A 134 31.13 13.60 -5.23
CA LYS A 134 32.01 12.52 -5.72
C LYS A 134 31.56 11.99 -7.09
N MET A 135 30.26 12.09 -7.39
CA MET A 135 29.72 11.65 -8.68
C MET A 135 29.47 12.85 -9.62
N LYS A 136 30.29 13.93 -9.49
CA LYS A 136 30.20 15.17 -10.26
C LYS A 136 28.77 15.73 -10.30
N GLN A 137 28.16 15.95 -9.11
CA GLN A 137 26.79 16.42 -8.98
C GLN A 137 26.57 17.29 -7.71
N GLU A 138 25.33 17.77 -7.52
CA GLU A 138 24.89 18.58 -6.38
C GLU A 138 23.35 18.47 -6.20
N PRO A 139 22.76 18.84 -5.03
CA PRO A 139 21.31 18.72 -4.89
C PRO A 139 20.53 19.57 -5.89
N VAL A 140 19.32 19.09 -6.23
CA VAL A 140 18.39 19.73 -7.15
C VAL A 140 18.06 21.11 -6.68
N LYS A 141 18.32 22.11 -7.53
CA LYS A 141 18.07 23.51 -7.24
C LYS A 141 16.59 23.87 -7.41
N PRO A 142 16.10 24.90 -6.69
CA PRO A 142 14.69 25.29 -6.84
C PRO A 142 14.30 25.61 -8.30
N GLU A 143 15.18 26.30 -9.03
CA GLU A 143 14.95 26.66 -10.42
C GLU A 143 14.99 25.44 -11.36
N GLU A 144 15.75 24.40 -11.00
CA GLU A 144 15.79 23.18 -11.81
C GLU A 144 14.47 22.43 -11.67
N GLY A 145 13.91 22.40 -10.46
CA GLY A 145 12.63 21.77 -10.19
C GLY A 145 11.51 22.53 -10.86
N ARG A 146 11.55 23.85 -10.75
CA ARG A 146 10.54 24.70 -11.36
C ARG A 146 10.54 24.57 -12.87
N ASP A 147 11.75 24.47 -13.46
CA ASP A 147 11.88 24.32 -14.90
C ASP A 147 11.33 23.00 -15.40
N MET A 148 11.47 21.94 -14.60
CA MET A 148 10.95 20.62 -14.93
C MET A 148 9.43 20.64 -14.92
N ALA A 149 8.80 21.26 -13.92
CA ALA A 149 7.32 21.32 -13.86
C ALA A 149 6.77 22.08 -15.05
N ASN A 150 7.49 23.14 -15.48
CA ASN A 150 7.15 23.99 -16.62
C ASN A 150 7.20 23.14 -17.88
N ARG A 151 8.28 22.37 -18.05
CA ARG A 151 8.51 21.49 -19.20
C ARG A 151 7.46 20.36 -19.30
N ILE A 152 7.18 19.63 -18.21
CA ILE A 152 6.22 18.53 -18.25
C ILE A 152 4.75 18.98 -18.24
N GLY A 153 4.47 20.28 -18.15
CA GLY A 153 3.10 20.77 -18.13
C GLY A 153 2.39 20.52 -16.82
N ALA A 154 3.13 20.41 -15.71
CA ALA A 154 2.58 20.22 -14.38
C ALA A 154 1.69 21.40 -13.98
N PHE A 155 0.68 21.14 -13.18
CA PHE A 155 -0.24 22.15 -12.65
C PHE A 155 0.55 23.16 -11.75
N GLY A 156 1.55 22.65 -11.03
CA GLY A 156 2.41 23.47 -10.19
C GLY A 156 3.64 22.71 -9.69
N TYR A 157 4.49 23.41 -8.93
CA TYR A 157 5.68 22.83 -8.35
C TYR A 157 5.74 23.17 -6.86
N MET A 158 5.98 22.15 -6.04
CA MET A 158 6.04 22.33 -4.59
C MET A 158 7.21 21.56 -4.02
N GLU A 159 7.73 22.05 -2.88
CA GLU A 159 8.81 21.35 -2.18
C GLU A 159 8.37 21.08 -0.76
N CYS A 160 8.92 20.03 -0.17
CA CYS A 160 8.62 19.68 1.21
C CYS A 160 9.72 18.84 1.81
N SER A 161 9.54 18.45 3.08
CA SER A 161 10.46 17.65 3.85
C SER A 161 9.62 16.84 4.83
N ALA A 162 9.40 15.55 4.59
CA ALA A 162 8.65 14.71 5.53
C ALA A 162 9.36 14.60 6.88
N LYS A 163 10.69 14.73 6.91
CA LYS A 163 11.48 14.64 8.15
C LYS A 163 11.16 15.80 9.10
N THR A 164 10.99 16.99 8.55
CA THR A 164 10.71 18.17 9.35
C THR A 164 9.23 18.63 9.28
N LYS A 165 8.37 17.88 8.54
CA LYS A 165 6.96 18.18 8.27
C LYS A 165 6.74 19.51 7.50
N ASP A 166 7.83 20.22 7.16
CA ASP A 166 7.77 21.50 6.47
C ASP A 166 7.28 21.43 5.04
N GLY A 167 6.11 22.01 4.80
CA GLY A 167 5.51 22.02 3.47
C GLY A 167 4.62 20.84 3.14
N VAL A 168 4.61 19.82 4.01
CA VAL A 168 3.80 18.62 3.81
C VAL A 168 2.29 18.95 3.76
N ARG A 169 1.77 19.82 4.66
CA ARG A 169 0.35 20.16 4.66
C ARG A 169 -0.07 20.98 3.45
N GLU A 170 0.78 21.91 3.03
CA GLU A 170 0.52 22.76 1.88
C GLU A 170 0.42 21.96 0.58
N VAL A 171 1.20 20.86 0.44
CA VAL A 171 1.14 20.00 -0.73
C VAL A 171 -0.23 19.32 -0.82
N PHE A 172 -0.71 18.77 0.29
CA PHE A 172 -1.96 18.04 0.31
C PHE A 172 -3.19 18.95 0.25
N GLU A 173 -3.10 20.16 0.80
CA GLU A 173 -4.19 21.14 0.65
C GLU A 173 -4.25 21.62 -0.81
N MET A 174 -3.08 21.76 -1.48
CA MET A 174 -3.02 22.18 -2.89
C MET A 174 -3.46 21.06 -3.82
N ALA A 175 -3.14 19.81 -3.48
CA ALA A 175 -3.57 18.65 -4.26
C ALA A 175 -5.10 18.55 -4.28
N THR A 176 -5.73 18.92 -3.16
CA THR A 176 -7.18 18.94 -3.00
C THR A 176 -7.78 20.01 -3.90
N ARG A 177 -7.14 21.18 -3.96
CA ARG A 177 -7.59 22.28 -4.78
C ARG A 177 -7.51 21.88 -6.25
N ALA A 178 -6.39 21.24 -6.65
CA ALA A 178 -6.18 20.76 -8.01
C ALA A 178 -7.24 19.72 -8.40
N ALA A 179 -7.54 18.75 -7.49
CA ALA A 179 -8.53 17.72 -7.75
C ALA A 179 -9.96 18.26 -7.89
N LEU A 180 -10.25 19.42 -7.29
CA LEU A 180 -11.57 20.02 -7.36
C LEU A 180 -11.83 20.70 -8.71
N GLN A 181 -10.78 21.28 -9.32
CA GLN A 181 -10.91 21.98 -10.59
C GLN A 181 -11.39 21.06 -11.71
N ALA A 182 -12.53 21.40 -12.31
CA ALA A 182 -13.14 20.61 -13.39
C ALA A 182 -13.16 21.41 -14.69
N SER B 1 -12.00 -9.50 11.68
CA SER B 1 -10.93 -9.75 12.64
CA SER B 1 -10.93 -9.78 12.64
C SER B 1 -11.48 -10.00 14.05
N MET B 2 -10.77 -10.79 14.84
CA MET B 2 -11.20 -11.09 16.20
C MET B 2 -10.45 -10.25 17.20
N GLU B 3 -11.15 -9.82 18.25
CA GLU B 3 -10.65 -8.95 19.31
C GLU B 3 -9.26 -9.32 19.81
N MET B 4 -9.00 -10.62 20.03
CA MET B 4 -7.71 -11.11 20.50
CA MET B 4 -7.71 -11.11 20.50
C MET B 4 -6.55 -10.60 19.63
N ASP B 5 -6.66 -10.77 18.31
CA ASP B 5 -5.65 -10.36 17.34
C ASP B 5 -5.58 -8.86 17.21
N GLU B 6 -6.75 -8.17 17.18
CA GLU B 6 -6.85 -6.71 17.13
C GLU B 6 -6.04 -6.09 18.28
N LYS B 7 -6.20 -6.58 19.51
CA LYS B 7 -5.44 -6.06 20.64
C LYS B 7 -3.95 -6.42 20.53
N ASP B 8 -3.62 -7.68 20.18
CA ASP B 8 -2.23 -8.09 20.02
C ASP B 8 -1.51 -7.27 18.94
N PHE B 9 -2.26 -6.66 17.98
CA PHE B 9 -1.67 -5.84 16.92
C PHE B 9 -2.22 -4.40 16.87
N ALA B 10 -2.59 -3.87 18.05
CA ALA B 10 -3.13 -2.52 18.22
C ALA B 10 -2.02 -1.46 18.26
N ALA B 11 -0.87 -1.81 18.85
CA ALA B 11 0.28 -0.90 18.99
C ALA B 11 0.85 -0.52 17.65
N ASP B 12 1.48 0.67 17.60
CA ASP B 12 2.07 1.14 16.36
C ASP B 12 3.42 0.48 16.04
N SER B 13 3.96 -0.37 16.94
CA SER B 13 5.23 -1.06 16.73
C SER B 13 5.42 -2.20 17.75
N TRP B 14 6.39 -3.10 17.48
CA TRP B 14 6.70 -4.19 18.39
C TRP B 14 7.24 -3.61 19.70
N SER B 15 8.10 -2.57 19.62
CA SER B 15 8.68 -1.92 20.80
CA SER B 15 8.68 -1.90 20.80
C SER B 15 7.62 -1.40 21.77
N LEU B 16 6.42 -1.03 21.23
CA LEU B 16 5.27 -0.52 21.97
C LEU B 16 4.26 -1.63 22.36
N ALA B 17 4.26 -2.76 21.63
CA ALA B 17 3.35 -3.87 21.91
C ALA B 17 3.84 -4.73 23.06
N VAL B 18 5.16 -4.95 23.16
CA VAL B 18 5.73 -5.72 24.27
C VAL B 18 5.84 -4.83 25.53
N ASP B 19 6.02 -5.43 26.72
CA ASP B 19 6.21 -4.69 27.97
C ASP B 19 7.56 -3.97 27.87
N SER B 20 7.67 -2.74 28.39
CA SER B 20 8.95 -2.01 28.29
C SER B 20 10.11 -2.71 28.99
N SER B 21 9.82 -3.47 30.06
CA SER B 21 10.85 -4.23 30.78
C SER B 21 11.35 -5.41 29.94
N PHE B 22 10.51 -5.96 29.06
CA PHE B 22 10.91 -7.04 28.18
C PHE B 22 11.79 -6.46 27.08
N LEU B 23 11.39 -5.31 26.52
CA LEU B 23 12.13 -4.59 25.49
C LEU B 23 13.53 -4.24 26.00
N GLN B 24 13.61 -3.69 27.23
CA GLN B 24 14.85 -3.28 27.90
C GLN B 24 15.98 -4.30 27.78
N GLN B 25 15.73 -5.60 28.07
CA GLN B 25 16.79 -6.60 27.93
C GLN B 25 16.82 -7.24 26.53
N HIS B 26 16.98 -6.41 25.49
CA HIS B 26 17.08 -6.85 24.09
C HIS B 26 17.98 -5.91 23.29
N LYS B 27 18.89 -6.49 22.48
CA LYS B 27 19.81 -5.71 21.63
C LYS B 27 19.00 -4.87 20.65
N LYS B 28 19.45 -3.64 20.40
CA LYS B 28 18.83 -2.70 19.49
C LYS B 28 18.48 -3.32 18.12
N GLU B 29 19.38 -4.14 17.55
CA GLU B 29 19.17 -4.78 16.26
C GLU B 29 18.03 -5.78 16.27
N VAL B 30 17.82 -6.44 17.41
CA VAL B 30 16.71 -7.38 17.59
C VAL B 30 15.41 -6.59 17.53
N MET B 31 15.34 -5.46 18.26
CA MET B 31 14.17 -4.58 18.26
C MET B 31 13.85 -4.11 16.85
N LYS B 32 14.87 -3.70 16.07
CA LYS B 32 14.66 -3.28 14.70
C LYS B 32 14.11 -4.38 13.81
N GLN B 33 14.58 -5.62 13.97
CA GLN B 33 14.11 -6.78 13.21
C GLN B 33 12.66 -7.12 13.59
N GLN B 34 12.37 -7.12 14.90
CA GLN B 34 11.03 -7.44 15.38
C GLN B 34 9.99 -6.45 14.94
N ASP B 35 10.35 -5.18 14.86
CA ASP B 35 9.43 -4.13 14.41
C ASP B 35 8.91 -4.38 13.00
N VAL B 36 9.80 -4.74 12.07
CA VAL B 36 9.41 -5.02 10.67
C VAL B 36 8.61 -6.35 10.60
N ILE B 37 8.97 -7.34 11.45
CA ILE B 37 8.27 -8.62 11.50
C ILE B 37 6.84 -8.41 11.97
N TYR B 38 6.66 -7.63 13.04
CA TYR B 38 5.38 -7.24 13.62
C TYR B 38 4.53 -6.52 12.56
N GLU B 39 5.16 -5.67 11.73
CA GLU B 39 4.45 -4.96 10.69
C GLU B 39 3.98 -5.89 9.58
N LEU B 40 4.78 -6.91 9.22
CA LEU B 40 4.37 -7.88 8.20
C LEU B 40 3.10 -8.63 8.65
N ILE B 41 3.01 -8.95 9.94
CA ILE B 41 1.85 -9.68 10.46
C ILE B 41 0.68 -8.73 10.60
N GLN B 42 0.92 -7.52 11.13
CA GLN B 42 -0.13 -6.51 11.31
C GLN B 42 -0.84 -6.20 9.99
N THR B 43 -0.08 -6.02 8.88
CA THR B 43 -0.64 -5.74 7.55
C THR B 43 -1.31 -6.98 6.95
N GLU B 44 -0.86 -8.19 7.35
CA GLU B 44 -1.51 -9.41 6.90
C GLU B 44 -2.88 -9.56 7.58
N LEU B 45 -3.01 -9.12 8.83
CA LEU B 45 -4.27 -9.13 9.56
C LEU B 45 -5.25 -8.18 8.85
N HIS B 46 -4.79 -6.98 8.50
CA HIS B 46 -5.61 -5.99 7.80
C HIS B 46 -5.96 -6.48 6.41
N HIS B 47 -5.06 -7.22 5.75
CA HIS B 47 -5.33 -7.76 4.41
C HIS B 47 -6.46 -8.81 4.48
N VAL B 48 -6.35 -9.74 5.44
CA VAL B 48 -7.37 -10.77 5.64
C VAL B 48 -8.70 -10.12 6.05
N ARG B 49 -8.63 -9.02 6.84
CA ARG B 49 -9.81 -8.27 7.27
C ARG B 49 -10.50 -7.61 6.07
N THR B 50 -9.72 -7.02 5.14
CA THR B 50 -10.23 -6.43 3.89
C THR B 50 -10.96 -7.52 3.09
N LEU B 51 -10.35 -8.71 2.97
CA LEU B 51 -10.99 -9.82 2.27
C LEU B 51 -12.29 -10.27 2.95
N LYS B 52 -12.40 -10.17 4.30
CA LYS B 52 -13.63 -10.52 5.00
C LYS B 52 -14.72 -9.46 4.82
N ILE B 53 -14.33 -8.21 4.57
CA ILE B 53 -15.28 -7.15 4.30
C ILE B 53 -15.88 -7.42 2.91
N MET B 54 -15.05 -7.81 1.93
CA MET B 54 -15.54 -8.14 0.60
C MET B 54 -16.43 -9.36 0.60
N THR B 55 -16.04 -10.46 1.26
CA THR B 55 -16.86 -11.68 1.25
C THR B 55 -18.12 -11.64 2.12
N ARG B 56 -18.01 -11.18 3.36
CA ARG B 56 -19.14 -11.20 4.29
C ARG B 56 -20.01 -9.98 4.25
N LEU B 57 -19.39 -8.81 4.16
CA LEU B 57 -20.15 -7.56 4.17
C LEU B 57 -20.73 -7.21 2.79
N PHE B 58 -19.87 -7.02 1.79
CA PHE B 58 -20.31 -6.64 0.47
C PHE B 58 -20.92 -7.77 -0.37
N ARG B 59 -20.14 -8.82 -0.70
CA ARG B 59 -20.55 -9.94 -1.56
C ARG B 59 -21.75 -10.69 -1.04
N THR B 60 -21.75 -11.06 0.25
CA THR B 60 -22.87 -11.79 0.84
C THR B 60 -24.09 -10.89 0.96
N GLY B 61 -23.86 -9.66 1.41
CA GLY B 61 -24.90 -8.65 1.58
C GLY B 61 -25.72 -8.41 0.32
N MET B 62 -25.06 -8.34 -0.84
CA MET B 62 -25.77 -8.15 -2.10
C MET B 62 -26.59 -9.39 -2.42
N LEU B 63 -26.05 -10.58 -2.18
CA LEU B 63 -26.75 -11.82 -2.47
C LEU B 63 -27.99 -11.98 -1.61
N GLU B 64 -27.94 -11.56 -0.34
CA GLU B 64 -29.06 -11.74 0.56
C GLU B 64 -30.05 -10.57 0.67
N GLU B 65 -29.75 -9.41 0.06
N GLU B 65 -29.61 -9.34 0.38
CA GLU B 65 -30.68 -8.27 0.10
CA GLU B 65 -30.43 -8.15 0.57
C GLU B 65 -31.13 -7.76 -1.26
C GLU B 65 -30.44 -7.22 -0.65
N LEU B 66 -30.28 -7.88 -2.29
N LEU B 66 -30.45 -7.83 -1.84
CA LEU B 66 -30.60 -7.34 -3.62
CA LEU B 66 -30.49 -7.16 -3.14
C LEU B 66 -31.09 -8.41 -4.63
C LEU B 66 -31.01 -8.13 -4.23
N HIS B 67 -31.59 -7.94 -5.82
N HIS B 67 -30.80 -9.46 -4.03
CA HIS B 67 -32.07 -8.80 -6.89
CA HIS B 67 -31.21 -10.54 -4.92
C HIS B 67 -31.18 -8.61 -8.13
C HIS B 67 -30.60 -10.41 -6.31
N LEU B 68 -29.86 -8.82 -7.98
N LEU B 68 -29.32 -10.01 -6.36
CA LEU B 68 -28.90 -8.68 -9.07
CA LEU B 68 -28.62 -9.87 -7.62
C LEU B 68 -28.90 -9.92 -9.96
C LEU B 68 -28.22 -11.24 -8.17
N GLU B 69 -28.52 -9.75 -11.23
N GLU B 69 -27.99 -11.32 -9.49
CA GLU B 69 -28.45 -10.85 -12.20
CA GLU B 69 -27.58 -12.56 -10.13
C GLU B 69 -27.36 -11.87 -11.80
C GLU B 69 -26.17 -12.90 -9.65
N PRO B 70 -27.47 -13.15 -12.23
N PRO B 70 -25.88 -14.17 -9.33
CA PRO B 70 -26.41 -14.13 -11.89
CA PRO B 70 -24.54 -14.53 -8.84
C PRO B 70 -25.11 -13.81 -12.61
C PRO B 70 -23.40 -14.17 -9.80
N GLY B 71 -23.99 -13.87 -11.90
N GLY B 71 -23.68 -14.14 -11.10
CA GLY B 71 -22.69 -13.55 -12.48
CA GLY B 71 -22.69 -13.79 -12.10
C GLY B 71 -22.24 -12.12 -12.24
C GLY B 71 -22.27 -12.34 -12.05
N VAL B 72 -23.16 -11.24 -11.82
N VAL B 72 -23.20 -11.45 -11.67
CA VAL B 72 -22.86 -9.84 -11.53
CA VAL B 72 -22.94 -10.02 -11.53
C VAL B 72 -22.04 -9.70 -10.24
C VAL B 72 -22.07 -9.77 -10.30
N VAL B 73 -22.41 -10.45 -9.18
CA VAL B 73 -21.68 -10.35 -7.91
C VAL B 73 -20.27 -10.96 -8.00
N GLN B 74 -20.12 -12.01 -8.81
CA GLN B 74 -18.85 -12.68 -9.08
C GLN B 74 -17.93 -11.77 -9.89
N GLY B 75 -18.50 -10.96 -10.79
CA GLY B 75 -17.79 -9.99 -11.60
C GLY B 75 -17.29 -8.81 -10.77
N LEU B 76 -18.00 -8.50 -9.67
CA LEU B 76 -17.66 -7.44 -8.73
C LEU B 76 -16.55 -7.91 -7.80
N PHE B 77 -16.67 -9.16 -7.29
CA PHE B 77 -15.71 -9.72 -6.36
C PHE B 77 -15.07 -11.00 -6.89
N PRO B 78 -14.22 -10.90 -7.92
CA PRO B 78 -13.59 -12.12 -8.46
C PRO B 78 -12.57 -12.71 -7.48
N CYS B 79 -12.51 -14.05 -7.43
CA CYS B 79 -11.54 -14.83 -6.61
C CYS B 79 -11.48 -14.47 -5.12
N VAL B 80 -12.46 -13.76 -4.55
CA VAL B 80 -12.42 -13.35 -3.14
CA VAL B 80 -12.42 -13.33 -3.16
C VAL B 80 -12.47 -14.52 -2.17
N ASP B 81 -13.08 -15.64 -2.58
CA ASP B 81 -13.15 -16.82 -1.71
C ASP B 81 -11.81 -17.52 -1.67
N GLU B 82 -11.17 -17.67 -2.84
CA GLU B 82 -9.87 -18.31 -3.01
C GLU B 82 -8.75 -17.46 -2.41
N LEU B 83 -8.84 -16.15 -2.52
CA LEU B 83 -7.87 -15.23 -1.93
C LEU B 83 -7.96 -15.28 -0.42
N SER B 84 -9.19 -15.37 0.12
CA SER B 84 -9.44 -15.45 1.55
C SER B 84 -8.86 -16.72 2.13
N ASP B 85 -8.97 -17.84 1.42
CA ASP B 85 -8.42 -19.11 1.90
C ASP B 85 -6.89 -19.06 1.97
N ILE B 86 -6.24 -18.45 0.95
CA ILE B 86 -4.80 -18.29 0.84
C ILE B 86 -4.24 -17.44 2.00
N HIS B 87 -4.80 -16.23 2.20
CA HIS B 87 -4.28 -15.30 3.17
C HIS B 87 -4.67 -15.68 4.60
N THR B 88 -5.85 -16.29 4.84
CA THR B 88 -6.22 -16.72 6.19
C THR B 88 -5.35 -17.88 6.64
N ARG B 89 -4.93 -18.77 5.71
CA ARG B 89 -4.01 -19.84 6.08
C ARG B 89 -2.65 -19.24 6.38
N PHE B 90 -2.17 -18.30 5.57
CA PHE B 90 -0.90 -17.64 5.79
C PHE B 90 -0.86 -16.92 7.15
N LEU B 91 -1.89 -16.10 7.44
CA LEU B 91 -2.04 -15.37 8.71
C LEU B 91 -2.04 -16.34 9.88
N SER B 92 -2.74 -17.50 9.75
CA SER B 92 -2.80 -18.51 10.79
CA SER B 92 -2.79 -18.48 10.82
C SER B 92 -1.39 -18.97 11.19
N GLN B 93 -0.53 -19.19 10.19
CA GLN B 93 0.84 -19.65 10.36
C GLN B 93 1.74 -18.58 11.00
N LEU B 94 1.49 -17.32 10.67
CA LEU B 94 2.20 -16.16 11.18
C LEU B 94 1.85 -15.96 12.64
N LEU B 95 0.54 -16.07 12.99
CA LEU B 95 0.04 -15.90 14.36
C LEU B 95 0.44 -17.04 15.27
N GLU B 96 0.63 -18.25 14.71
CA GLU B 96 1.05 -19.42 15.48
C GLU B 96 2.54 -19.36 15.79
N ARG B 97 3.36 -18.89 14.82
CA ARG B 97 4.79 -18.71 15.01
C ARG B 97 5.02 -17.66 16.14
N ARG B 98 4.20 -16.60 16.18
CA ARG B 98 4.24 -15.58 17.23
C ARG B 98 3.80 -16.15 18.58
N ARG B 99 2.72 -16.97 18.60
CA ARG B 99 2.22 -17.54 19.84
CA ARG B 99 2.21 -17.56 19.84
C ARG B 99 3.23 -18.51 20.45
N GLN B 100 3.90 -19.31 19.62
CA GLN B 100 4.94 -20.23 20.06
C GLN B 100 6.12 -19.49 20.66
N ALA B 101 6.41 -18.27 20.17
CA ALA B 101 7.50 -17.42 20.64
C ALA B 101 7.16 -16.62 21.91
N LEU B 102 5.92 -16.73 22.42
CA LEU B 102 5.54 -16.01 23.64
C LEU B 102 6.30 -16.53 24.84
N CYS B 103 6.61 -15.62 25.73
CA CYS B 103 7.29 -15.87 26.98
C CYS B 103 6.26 -16.48 27.94
N PRO B 104 6.59 -17.58 28.65
CA PRO B 104 5.62 -18.17 29.59
C PRO B 104 5.08 -17.21 30.62
N GLY B 105 3.77 -17.08 30.68
CA GLY B 105 3.11 -16.16 31.60
C GLY B 105 2.70 -14.84 30.94
N SER B 106 3.17 -14.61 29.72
CA SER B 106 2.87 -13.42 28.99
C SER B 106 2.05 -13.75 27.75
N THR B 107 1.26 -12.75 27.30
CA THR B 107 0.47 -12.76 26.08
C THR B 107 0.90 -11.63 25.12
N ARG B 108 2.00 -10.90 25.43
CA ARG B 108 2.52 -9.84 24.56
C ARG B 108 4.04 -9.89 24.35
N ASN B 109 4.77 -10.57 25.23
CA ASN B 109 6.22 -10.61 25.13
C ASN B 109 6.71 -11.78 24.27
N PHE B 110 7.24 -11.46 23.08
CA PHE B 110 7.73 -12.49 22.15
C PHE B 110 8.88 -11.98 21.27
N VAL B 111 9.67 -12.89 20.73
CA VAL B 111 10.74 -12.61 19.78
C VAL B 111 10.69 -13.74 18.75
N ILE B 112 10.29 -13.45 17.50
CA ILE B 112 10.27 -14.44 16.43
C ILE B 112 11.68 -14.53 15.84
N HIS B 113 12.39 -15.62 16.14
CA HIS B 113 13.75 -15.85 15.68
C HIS B 113 13.85 -16.51 14.30
N ARG B 114 12.77 -17.17 13.84
N ARG B 114 12.78 -17.17 13.86
CA ARG B 114 12.80 -17.89 12.56
CA ARG B 114 12.79 -17.87 12.58
C ARG B 114 11.60 -17.59 11.70
C ARG B 114 11.57 -17.53 11.76
N LEU B 115 11.75 -16.73 10.69
N LEU B 115 11.75 -16.77 10.67
CA LEU B 115 10.65 -16.38 9.82
CA LEU B 115 10.64 -16.38 9.81
C LEU B 115 10.83 -16.90 8.40
C LEU B 115 10.83 -16.90 8.40
N GLY B 116 12.06 -16.80 7.88
CA GLY B 116 12.40 -17.23 6.54
C GLY B 116 11.84 -18.57 6.08
N ASP B 117 11.84 -19.59 6.98
CA ASP B 117 11.31 -20.91 6.64
CA ASP B 117 11.30 -20.92 6.66
C ASP B 117 9.83 -20.82 6.29
N LEU B 118 9.05 -20.09 7.11
CA LEU B 118 7.63 -19.86 6.93
C LEU B 118 7.40 -19.15 5.59
N LEU B 119 8.21 -18.13 5.28
CA LEU B 119 8.09 -17.41 4.02
C LEU B 119 8.46 -18.30 2.80
N ILE B 120 9.41 -19.23 2.94
CA ILE B 120 9.79 -20.12 1.83
C ILE B 120 8.67 -21.09 1.49
N SER B 121 8.04 -21.70 2.52
CA SER B 121 6.94 -22.63 2.28
CA SER B 121 6.93 -22.63 2.31
C SER B 121 5.75 -21.92 1.64
N GLN B 122 5.51 -20.67 2.04
CA GLN B 122 4.42 -19.87 1.49
C GLN B 122 4.66 -19.49 0.03
N PHE B 123 5.85 -18.96 -0.29
CA PHE B 123 6.12 -18.48 -1.65
C PHE B 123 6.84 -19.49 -2.55
N SER B 124 6.65 -20.79 -2.31
CA SER B 124 7.23 -21.83 -3.17
C SER B 124 6.31 -23.05 -3.25
N GLY B 125 6.45 -23.81 -4.35
CA GLY B 125 5.66 -25.02 -4.55
C GLY B 125 4.21 -24.75 -4.89
N PRO B 126 3.32 -25.74 -4.65
CA PRO B 126 1.89 -25.54 -4.95
C PRO B 126 1.25 -24.29 -4.33
N SER B 127 1.71 -23.83 -3.13
CA SER B 127 1.14 -22.62 -2.54
C SER B 127 1.52 -21.37 -3.32
N ALA B 128 2.72 -21.34 -3.94
CA ALA B 128 3.10 -20.21 -4.78
C ALA B 128 2.33 -20.27 -6.09
N GLU B 129 2.15 -21.47 -6.66
CA GLU B 129 1.41 -21.67 -7.90
C GLU B 129 -0.04 -21.18 -7.77
N GLN B 130 -0.69 -21.51 -6.64
CA GLN B 130 -2.07 -21.10 -6.43
CA GLN B 130 -2.06 -21.12 -6.34
C GLN B 130 -2.20 -19.59 -6.25
N MET B 131 -1.20 -18.90 -5.66
CA MET B 131 -1.23 -17.43 -5.51
C MET B 131 -1.01 -16.75 -6.88
N CYS B 132 -0.11 -17.32 -7.68
CA CYS B 132 0.18 -16.81 -9.02
C CYS B 132 -1.08 -16.81 -9.89
N LYS B 133 -1.79 -17.95 -9.94
CA LYS B 133 -3.02 -18.07 -10.72
C LYS B 133 -4.13 -17.19 -10.13
N THR B 134 -4.21 -17.07 -8.80
CA THR B 134 -5.26 -16.29 -8.17
C THR B 134 -5.04 -14.77 -8.37
N TYR B 135 -3.78 -14.31 -8.34
CA TYR B 135 -3.50 -12.89 -8.53
C TYR B 135 -3.50 -12.50 -10.01
N SER B 136 -3.16 -13.42 -10.93
CA SER B 136 -3.25 -13.13 -12.35
C SER B 136 -4.71 -13.01 -12.73
N GLU B 137 -5.59 -13.88 -12.19
CA GLU B 137 -7.02 -13.78 -12.45
C GLU B 137 -7.58 -12.50 -11.82
N PHE B 138 -7.36 -12.28 -10.50
CA PHE B 138 -7.87 -11.08 -9.83
C PHE B 138 -7.53 -9.76 -10.54
N CYS B 139 -6.24 -9.53 -10.82
CA CYS B 139 -5.76 -8.31 -11.46
C CYS B 139 -6.22 -8.13 -12.90
N SER B 140 -6.46 -9.22 -13.63
CA SER B 140 -6.99 -9.15 -15.00
C SER B 140 -8.47 -8.83 -15.03
N ARG B 141 -9.18 -9.10 -13.92
CA ARG B 141 -10.59 -8.82 -13.74
C ARG B 141 -10.86 -7.56 -12.88
N HIS B 142 -9.79 -6.93 -12.35
CA HIS B 142 -9.83 -5.73 -11.52
C HIS B 142 -10.58 -4.57 -12.24
N SER B 143 -10.09 -4.05 -13.38
CA SER B 143 -10.74 -2.96 -14.12
CA SER B 143 -10.76 -2.96 -14.08
C SER B 143 -12.24 -3.23 -14.37
N LYS B 144 -12.56 -4.46 -14.83
CA LYS B 144 -13.93 -4.88 -15.14
C LYS B 144 -14.85 -4.76 -13.93
N ALA B 145 -14.33 -5.07 -12.73
CA ALA B 145 -15.09 -4.97 -11.47
C ALA B 145 -15.38 -3.52 -11.12
N LEU B 146 -14.42 -2.62 -11.36
CA LEU B 146 -14.58 -1.19 -11.10
C LEU B 146 -15.63 -0.61 -12.03
N LYS B 147 -15.59 -0.99 -13.32
CA LYS B 147 -16.59 -0.54 -14.31
C LYS B 147 -17.98 -1.11 -14.02
N LEU B 148 -18.04 -2.36 -13.54
CA LEU B 148 -19.29 -3.03 -13.19
C LEU B 148 -19.91 -2.41 -11.94
N TYR B 149 -19.10 -1.91 -11.00
CA TYR B 149 -19.62 -1.26 -9.78
C TYR B 149 -20.15 0.11 -10.16
N LYS B 150 -19.41 0.86 -10.98
CA LYS B 150 -19.83 2.17 -11.42
C LYS B 150 -21.10 2.07 -12.27
N GLU B 151 -21.23 1.01 -13.09
CA GLU B 151 -22.41 0.80 -13.91
CA GLU B 151 -22.42 0.82 -13.90
C GLU B 151 -23.61 0.55 -13.00
N LEU B 152 -23.45 -0.31 -11.98
CA LEU B 152 -24.53 -0.60 -11.05
C LEU B 152 -24.92 0.62 -10.22
N TYR B 153 -23.96 1.45 -9.81
CA TYR B 153 -24.23 2.65 -9.01
C TYR B 153 -24.90 3.74 -9.85
N ALA B 154 -24.45 3.92 -11.11
CA ALA B 154 -25.03 4.94 -11.98
C ALA B 154 -26.24 4.47 -12.76
N ARG B 155 -26.94 3.43 -12.27
CA ARG B 155 -28.13 2.90 -12.95
CA ARG B 155 -28.13 2.91 -12.95
C ARG B 155 -29.14 2.29 -11.98
N ASP B 156 -28.69 1.84 -10.80
CA ASP B 156 -29.58 1.23 -9.81
C ASP B 156 -29.58 1.98 -8.48
N LYS B 157 -30.73 2.57 -8.13
CA LYS B 157 -30.87 3.30 -6.86
C LYS B 157 -31.01 2.36 -5.65
N ARG B 158 -31.38 1.08 -5.87
CA ARG B 158 -31.41 0.08 -4.79
C ARG B 158 -29.97 -0.35 -4.41
N PHE B 159 -29.02 -0.24 -5.37
CA PHE B 159 -27.62 -0.55 -5.17
C PHE B 159 -26.98 0.60 -4.39
N GLN B 160 -27.29 1.87 -4.75
CA GLN B 160 -26.76 3.02 -4.02
C GLN B 160 -27.25 3.00 -2.56
N GLN B 161 -28.50 2.55 -2.32
CA GLN B 161 -29.08 2.43 -0.98
C GLN B 161 -28.28 1.43 -0.17
N PHE B 162 -27.96 0.28 -0.78
CA PHE B 162 -27.19 -0.76 -0.13
C PHE B 162 -25.77 -0.29 0.18
N ILE B 163 -25.11 0.38 -0.77
CA ILE B 163 -23.74 0.84 -0.61
C ILE B 163 -23.64 1.90 0.47
N ARG B 164 -24.57 2.87 0.45
CA ARG B 164 -24.63 3.92 1.46
C ARG B 164 -24.84 3.30 2.86
N LYS B 165 -25.68 2.27 2.95
CA LYS B 165 -25.98 1.58 4.19
C LYS B 165 -24.78 0.81 4.78
N VAL B 166 -24.21 -0.19 4.04
CA VAL B 166 -23.12 -1.02 4.55
C VAL B 166 -21.81 -0.26 4.81
N THR B 167 -21.51 0.78 4.04
CA THR B 167 -20.29 1.56 4.24
C THR B 167 -20.43 2.75 5.21
N ARG B 168 -21.62 2.91 5.84
CA ARG B 168 -21.88 3.99 6.80
C ARG B 168 -20.98 3.94 8.05
N PRO B 169 -20.70 2.77 8.66
CA PRO B 169 -19.81 2.75 9.85
C PRO B 169 -18.45 3.43 9.62
N ALA B 170 -17.95 4.14 10.64
CA ALA B 170 -16.67 4.86 10.61
C ALA B 170 -15.49 3.94 10.31
N VAL B 171 -15.56 2.69 10.79
CA VAL B 171 -14.51 1.70 10.58
C VAL B 171 -14.33 1.34 9.08
N LEU B 172 -15.36 1.56 8.23
CA LEU B 172 -15.24 1.28 6.79
C LEU B 172 -14.92 2.52 5.98
N LYS B 173 -14.37 3.58 6.61
CA LYS B 173 -14.08 4.84 5.90
C LYS B 173 -13.21 4.62 4.65
N ARG B 174 -12.08 3.93 4.83
CA ARG B 174 -11.15 3.61 3.74
C ARG B 174 -11.38 2.22 3.15
N HIS B 175 -12.57 1.64 3.33
CA HIS B 175 -12.88 0.30 2.87
C HIS B 175 -14.15 0.18 2.04
N GLY B 176 -14.33 1.07 1.07
CA GLY B 176 -15.43 0.93 0.12
C GLY B 176 -15.14 -0.20 -0.86
N VAL B 177 -16.07 -0.49 -1.77
CA VAL B 177 -15.89 -1.59 -2.73
C VAL B 177 -14.65 -1.43 -3.60
N GLN B 178 -14.49 -0.26 -4.21
CA GLN B 178 -13.34 -0.02 -5.09
C GLN B 178 -12.03 0.07 -4.32
N GLU B 179 -12.07 0.56 -3.07
CA GLU B 179 -10.88 0.68 -2.25
C GLU B 179 -10.36 -0.73 -1.92
N CYS B 180 -11.27 -1.63 -1.53
CA CYS B 180 -11.01 -3.03 -1.22
C CYS B 180 -10.27 -3.73 -2.37
N ILE B 181 -10.74 -3.54 -3.63
CA ILE B 181 -10.12 -4.12 -4.83
C ILE B 181 -8.69 -3.65 -5.06
N LEU B 182 -8.42 -2.33 -4.92
CA LEU B 182 -7.07 -1.81 -5.05
C LEU B 182 -6.18 -2.25 -3.86
N LEU B 183 -6.74 -2.32 -2.66
CA LEU B 183 -5.99 -2.76 -1.47
C LEU B 183 -5.47 -4.20 -1.67
N VAL B 184 -6.30 -5.08 -2.27
CA VAL B 184 -5.95 -6.48 -2.56
C VAL B 184 -4.90 -6.55 -3.67
N THR B 185 -5.09 -5.76 -4.74
CA THR B 185 -4.17 -5.72 -5.88
C THR B 185 -2.78 -5.28 -5.43
N GLN B 186 -2.71 -4.23 -4.58
CA GLN B 186 -1.42 -3.69 -4.10
C GLN B 186 -0.73 -4.54 -3.06
N ARG B 187 -1.46 -5.46 -2.42
CA ARG B 187 -0.92 -6.26 -1.33
C ARG B 187 0.32 -7.03 -1.70
N ILE B 188 0.27 -7.78 -2.80
CA ILE B 188 1.37 -8.60 -3.27
C ILE B 188 2.67 -7.82 -3.44
N THR B 189 2.59 -6.57 -3.92
CA THR B 189 3.78 -5.75 -4.10
C THR B 189 4.35 -5.18 -2.78
N LYS B 190 3.69 -5.40 -1.64
CA LYS B 190 4.20 -4.93 -0.35
C LYS B 190 5.23 -5.89 0.20
N TYR B 191 5.04 -7.22 0.00
CA TYR B 191 5.93 -8.27 0.55
C TYR B 191 7.42 -8.06 0.30
N PRO B 192 7.89 -7.75 -0.94
CA PRO B 192 9.33 -7.56 -1.13
C PRO B 192 9.87 -6.40 -0.28
N LEU B 193 9.09 -5.34 -0.05
CA LEU B 193 9.54 -4.21 0.76
CA LEU B 193 9.54 -4.22 0.77
C LEU B 193 9.69 -4.67 2.22
N LEU B 194 8.72 -5.45 2.71
CA LEU B 194 8.73 -5.95 4.08
C LEU B 194 9.89 -6.93 4.32
N ILE B 195 10.01 -7.97 3.47
CA ILE B 195 11.04 -9.00 3.55
C ILE B 195 12.46 -8.42 3.44
N SER B 196 12.67 -7.40 2.60
CA SER B 196 13.99 -6.80 2.43
CA SER B 196 14.01 -6.81 2.45
CA SER B 196 13.99 -6.78 2.43
C SER B 196 14.44 -6.04 3.69
N ARG B 197 13.47 -5.40 4.40
CA ARG B 197 13.77 -4.65 5.61
C ARG B 197 13.93 -5.61 6.83
N ILE B 198 13.27 -6.79 6.79
CA ILE B 198 13.45 -7.82 7.83
C ILE B 198 14.85 -8.38 7.61
N LEU B 199 15.19 -8.76 6.35
CA LEU B 199 16.50 -9.27 5.94
C LEU B 199 17.61 -8.31 6.35
N GLN B 200 17.37 -7.01 6.20
CA GLN B 200 18.33 -5.97 6.54
C GLN B 200 18.82 -6.08 7.99
N HIS B 201 17.93 -6.47 8.91
CA HIS B 201 18.28 -6.62 10.33
C HIS B 201 18.33 -8.09 10.79
N SER B 202 18.59 -9.03 9.86
CA SER B 202 18.65 -10.46 10.15
C SER B 202 19.99 -11.09 9.79
N HIS B 203 21.07 -10.33 9.94
CA HIS B 203 22.41 -10.84 9.64
C HIS B 203 23.06 -11.62 10.81
N GLY B 204 22.47 -11.54 12.01
CA GLY B 204 22.95 -12.20 13.21
C GLY B 204 23.12 -13.70 13.05
N ILE B 205 22.10 -14.36 12.50
CA ILE B 205 22.17 -15.80 12.27
CA ILE B 205 22.17 -15.80 12.27
C ILE B 205 22.26 -16.04 10.78
N GLU B 206 23.32 -16.73 10.33
CA GLU B 206 23.53 -16.98 8.91
C GLU B 206 22.45 -17.92 8.30
N GLU B 207 21.84 -18.78 9.12
CA GLU B 207 20.75 -19.64 8.67
C GLU B 207 19.55 -18.77 8.26
N GLU B 208 19.27 -17.70 9.04
CA GLU B 208 18.16 -16.78 8.83
C GLU B 208 18.41 -15.78 7.72
N ARG B 209 19.65 -15.29 7.57
CA ARG B 209 19.98 -14.38 6.48
C ARG B 209 19.81 -15.10 5.13
N GLN B 210 20.12 -16.41 5.10
CA GLN B 210 19.96 -17.19 3.88
C GLN B 210 18.49 -17.50 3.57
N ASP B 211 17.71 -17.92 4.58
CA ASP B 211 16.28 -18.21 4.41
C ASP B 211 15.53 -16.99 3.86
N LEU B 212 15.74 -15.82 4.46
CA LEU B 212 15.10 -14.58 4.04
C LEU B 212 15.56 -14.14 2.65
N THR B 213 16.84 -14.38 2.29
CA THR B 213 17.38 -14.06 0.97
C THR B 213 16.71 -14.95 -0.10
N THR B 214 16.53 -16.24 0.23
CA THR B 214 15.85 -17.17 -0.66
C THR B 214 14.39 -16.73 -0.86
N ALA B 215 13.67 -16.42 0.24
CA ALA B 215 12.27 -16.01 0.22
C ALA B 215 12.08 -14.75 -0.57
N LEU B 216 13.01 -13.79 -0.46
CA LEU B 216 12.95 -12.53 -1.21
C LEU B 216 12.96 -12.77 -2.72
N GLY B 217 13.81 -13.70 -3.17
CA GLY B 217 13.91 -14.11 -4.56
C GLY B 217 12.68 -14.86 -5.04
N LEU B 218 12.06 -15.67 -4.16
CA LEU B 218 10.84 -16.42 -4.42
C LEU B 218 9.67 -15.45 -4.64
N VAL B 219 9.54 -14.42 -3.78
CA VAL B 219 8.48 -13.41 -3.90
C VAL B 219 8.65 -12.62 -5.21
N LYS B 220 9.88 -12.17 -5.51
CA LYS B 220 10.13 -11.41 -6.72
C LYS B 220 9.84 -12.24 -7.98
N GLU B 221 10.07 -13.58 -7.91
CA GLU B 221 9.77 -14.45 -9.04
CA GLU B 221 9.76 -14.46 -9.04
C GLU B 221 8.25 -14.59 -9.21
N LEU B 222 7.50 -14.64 -8.10
CA LEU B 222 6.04 -14.73 -8.09
C LEU B 222 5.47 -13.44 -8.67
N LEU B 223 5.95 -12.28 -8.20
CA LEU B 223 5.52 -10.99 -8.69
C LEU B 223 5.75 -10.84 -10.19
N SER B 224 6.92 -11.27 -10.68
CA SER B 224 7.24 -11.18 -12.10
CA SER B 224 7.25 -11.20 -12.10
C SER B 224 6.33 -12.09 -12.92
N ASN B 225 5.96 -13.26 -12.36
CA ASN B 225 5.07 -14.20 -13.03
C ASN B 225 3.61 -13.68 -13.07
N VAL B 226 3.12 -13.08 -11.98
CA VAL B 226 1.78 -12.50 -11.92
C VAL B 226 1.72 -11.34 -12.92
N ASP B 227 2.76 -10.47 -12.92
CA ASP B 227 2.84 -9.33 -13.83
C ASP B 227 2.70 -9.78 -15.31
N GLU B 228 3.42 -10.85 -15.68
CA GLU B 228 3.38 -11.41 -17.03
C GLU B 228 2.03 -12.04 -17.39
N GLY B 229 1.36 -12.63 -16.41
CA GLY B 229 0.08 -13.30 -16.61
C GLY B 229 -1.13 -12.39 -16.69
N ILE B 230 -0.96 -11.11 -16.39
CA ILE B 230 -2.04 -10.15 -16.43
C ILE B 230 -2.31 -9.70 -17.86
N TYR B 231 -3.58 -9.63 -18.21
CA TYR B 231 -4.07 -9.11 -19.47
C TYR B 231 -5.48 -8.63 -19.15
N GLN B 232 -5.65 -7.31 -18.97
CA GLN B 232 -6.93 -6.68 -18.61
C GLN B 232 -8.09 -7.15 -19.45
N LEU B 233 -9.18 -7.49 -18.79
CA LEU B 233 -10.40 -7.97 -19.45
C LEU B 233 -11.38 -6.82 -19.47
N GLU B 234 -11.96 -6.51 -20.63
CA GLU B 234 -12.96 -5.44 -20.74
C GLU B 234 -14.35 -6.05 -20.89
N LYS B 235 -15.39 -5.40 -20.33
CA LYS B 235 -16.75 -5.93 -20.44
C LYS B 235 -17.40 -5.55 -21.76
#